data_3HZI
#
_entry.id   3HZI
#
_cell.length_a   167.250
_cell.length_b   167.250
_cell.length_c   62.370
_cell.angle_alpha   90.00
_cell.angle_beta   90.00
_cell.angle_gamma   90.00
#
_symmetry.space_group_name_H-M   'P 4 2 2'
#
loop_
_entity.id
_entity.type
_entity.pdbx_description
1 polymer 'Protein hipA'
2 polymer 'HTH-type transcriptional regulator hipB'
3 polymer "5'-D(*DAP*DCP*DTP*DAP*DTP*DCP*DCP*DCP*DCP*DTP*DTP*DAP*DAP*DGP*DGP*DGP*DGP*DAP*DTP*DAP*DG)-3'"
4 non-polymer "ADENOSINE-5'-TRIPHOSPHATE"
5 non-polymer 'SULFATE ION'
6 water water
#
loop_
_entity_poly.entity_id
_entity_poly.type
_entity_poly.pdbx_seq_one_letter_code
_entity_poly.pdbx_strand_id
1 'polypeptide(L)'
;MPKLVTWMNNQRVGELTKLANGAHTFKYAPEWLASRYARPLSLSLPLQRGNITSDAVFNFFDNLLPDSPIVRDRIVKRYH
AKSRQPFDLLSEIGRDSVGAVTLIPEDETVTHPIMAWEKLTEARLEEVLTAYKADIPLG(MSE)IREENDFRISVAGAQE
KTALLRIGNDWCIPKGITPTTHIIKLPIGEIRQPNATLDLSQSVDNEYYCLLLAKELGLNVPDAEIIKAGNVRALAVERF
DRRWNARRTVLLRLPQEDMCQTFGLPSSVKYESDGGPGIARIMAFL(MSE)GSSEALKDRYDFMKFQVFQWLIGATQGHA
KNFSVFIQAGGSYRLTPFYDIISAFPVLGGTGIHISDLKLAMGLNASKGKKTAIDKIYPRHFLATAKVLRFPEVQMHEIL
SDFAR(MSE)IPAALDNVKTSLPTDFPENVVTAVESNVLRLHGRLSREYGSK
;
A
2 'polypeptide(L)'
;MMSFQKIYSPTQLANAMKLVRQQNGWTQSELAKKIGIKQATISNFENNPDNTTLTTFFKILQSLELSMTLCDAKNASPES
TEQQNLEW
;
B
3 'polydeoxyribonucleotide'
;(DA)(DC)(DT)(DA)(DT)(DC)(DC)(DC)(DC)(DT)(DT)(DA)(DA)(DG)(DG)(DG)(DG)(DA)(DT)(DA)
(DG)
;
T
#
# COMPACT_ATOMS: atom_id res chain seq x y z
N PRO A 2 6.76 -6.07 -27.63
CA PRO A 2 7.45 -4.76 -27.50
C PRO A 2 7.83 -4.49 -26.06
N LYS A 3 9.06 -4.05 -25.85
CA LYS A 3 9.56 -3.74 -24.50
C LYS A 3 8.64 -2.74 -23.84
N LEU A 4 8.81 -2.55 -22.54
CA LEU A 4 8.02 -1.60 -21.81
C LEU A 4 8.98 -0.94 -20.84
N VAL A 5 9.12 0.37 -20.90
CA VAL A 5 10.04 1.05 -19.99
C VAL A 5 9.33 1.48 -18.69
N THR A 6 10.10 1.54 -17.60
CA THR A 6 9.59 1.95 -16.29
C THR A 6 10.31 3.21 -15.79
N TRP A 7 9.60 4.33 -15.76
CA TRP A 7 10.18 5.58 -15.29
C TRP A 7 9.51 5.96 -13.99
N MET A 8 10.18 6.78 -13.20
CA MET A 8 9.61 7.29 -11.95
C MET A 8 9.94 8.77 -11.99
N ASN A 9 8.89 9.58 -11.87
CA ASN A 9 9.05 11.02 -11.91
C ASN A 9 10.12 11.43 -12.94
N ASN A 10 9.98 10.86 -14.13
CA ASN A 10 10.85 11.14 -15.26
C ASN A 10 12.24 10.59 -15.11
N GLN A 11 12.35 9.41 -14.50
CA GLN A 11 13.65 8.81 -14.35
C GLN A 11 13.70 7.34 -14.67
N ARG A 12 14.12 6.98 -15.87
CA ARG A 12 14.23 5.58 -16.27
C ARG A 12 14.83 4.73 -15.17
N VAL A 13 14.04 3.79 -14.63
CA VAL A 13 14.46 2.90 -13.54
C VAL A 13 14.84 1.58 -14.17
N GLY A 14 14.20 1.26 -15.27
CA GLY A 14 14.50 0.02 -15.95
C GLY A 14 13.56 -0.24 -17.10
N GLU A 15 13.13 -1.49 -17.24
CA GLU A 15 12.19 -1.81 -18.31
C GLU A 15 11.77 -3.27 -18.28
N LEU A 16 10.45 -3.45 -18.30
CA LEU A 16 9.77 -4.76 -18.24
C LEU A 16 9.76 -5.45 -19.61
N THR A 17 9.95 -6.77 -19.62
CA THR A 17 9.97 -7.51 -20.87
C THR A 17 9.14 -8.77 -20.77
N LYS A 18 8.37 -9.03 -21.82
CA LYS A 18 7.54 -10.23 -21.92
C LYS A 18 8.08 -11.10 -23.05
N LEU A 19 8.74 -12.19 -22.70
CA LEU A 19 9.30 -13.10 -23.68
C LEU A 19 8.21 -13.76 -24.52
N ALA A 20 8.61 -14.65 -25.42
CA ALA A 20 7.67 -15.36 -26.28
C ALA A 20 6.92 -16.36 -25.44
N ASN A 21 7.65 -17.13 -24.63
CA ASN A 21 7.01 -18.12 -23.78
C ASN A 21 6.21 -17.48 -22.64
N GLY A 22 5.72 -16.27 -22.89
CA GLY A 22 4.91 -15.52 -21.93
C GLY A 22 5.50 -15.21 -20.56
N ALA A 23 6.82 -15.35 -20.44
CA ALA A 23 7.51 -15.10 -19.18
C ALA A 23 7.80 -13.62 -18.98
N HIS A 24 7.26 -13.06 -17.89
CA HIS A 24 7.45 -11.66 -17.56
C HIS A 24 8.78 -11.43 -16.83
N THR A 25 9.67 -10.63 -17.42
CA THR A 25 10.98 -10.31 -16.80
C THR A 25 11.17 -8.84 -16.69
N PHE A 26 12.09 -8.48 -15.81
CA PHE A 26 12.41 -7.08 -15.54
C PHE A 26 13.87 -6.95 -15.23
N LYS A 27 14.47 -5.87 -15.72
CA LYS A 27 15.89 -5.62 -15.47
C LYS A 27 16.05 -4.15 -15.16
N TYR A 28 16.97 -3.80 -14.27
CA TYR A 28 17.16 -2.39 -13.96
C TYR A 28 17.95 -1.73 -15.08
N ALA A 29 18.17 -0.43 -14.94
CA ALA A 29 18.91 0.31 -15.96
C ALA A 29 20.23 0.56 -15.33
N PRO A 30 21.33 0.13 -15.95
CA PRO A 30 22.66 0.34 -15.35
C PRO A 30 22.78 1.74 -14.84
N GLU A 31 22.12 2.67 -15.51
CA GLU A 31 22.15 4.06 -15.11
C GLU A 31 21.46 4.32 -13.78
N TRP A 32 20.22 3.85 -13.66
CA TRP A 32 19.44 4.04 -12.43
C TRP A 32 20.01 3.33 -11.23
N LEU A 33 20.70 2.24 -11.49
CA LEU A 33 21.31 1.43 -10.44
C LEU A 33 22.44 2.24 -9.80
N ALA A 34 22.59 3.49 -10.23
CA ALA A 34 23.64 4.37 -9.71
C ALA A 34 23.14 5.77 -9.51
N SER A 35 21.85 5.97 -9.69
CA SER A 35 21.25 7.28 -9.52
C SER A 35 21.23 7.75 -8.06
N ARG A 36 21.13 9.07 -7.87
CA ARG A 36 21.02 9.65 -6.52
C ARG A 36 19.77 9.05 -5.83
N TYR A 37 18.71 8.96 -6.63
CA TYR A 37 17.41 8.46 -6.22
C TYR A 37 17.32 6.94 -6.09
N ALA A 38 18.25 6.23 -6.71
CA ALA A 38 18.26 4.78 -6.69
C ALA A 38 17.60 4.18 -5.47
N ARG A 39 16.70 3.23 -5.72
CA ARG A 39 15.98 2.49 -4.69
C ARG A 39 15.22 1.41 -5.46
N PRO A 40 15.02 0.25 -4.85
CA PRO A 40 14.29 -0.82 -5.55
C PRO A 40 12.84 -0.44 -5.90
N LEU A 41 12.38 -0.98 -7.02
CA LEU A 41 11.05 -0.71 -7.52
C LEU A 41 10.13 -1.34 -6.54
N SER A 42 10.66 -2.34 -5.84
CA SER A 42 9.89 -3.11 -4.87
C SER A 42 10.81 -3.86 -3.96
N LEU A 43 10.47 -3.84 -2.68
CA LEU A 43 11.33 -4.49 -1.75
C LEU A 43 11.47 -5.92 -2.15
N SER A 44 10.58 -6.36 -3.07
CA SER A 44 10.60 -7.72 -3.57
C SER A 44 11.41 -7.89 -4.86
N LEU A 45 11.97 -6.81 -5.36
CA LEU A 45 12.82 -6.85 -6.55
C LEU A 45 14.03 -5.93 -6.24
N PRO A 46 14.96 -6.42 -5.43
CA PRO A 46 16.11 -5.59 -5.09
C PRO A 46 17.09 -5.33 -6.25
N LEU A 47 17.66 -4.11 -6.24
CA LEU A 47 18.61 -3.68 -7.25
C LEU A 47 19.71 -4.73 -7.35
N GLN A 48 19.96 -5.16 -8.59
CA GLN A 48 20.98 -6.15 -8.96
C GLN A 48 21.24 -5.98 -10.45
N ARG A 49 22.38 -6.45 -10.93
CA ARG A 49 22.70 -6.23 -12.31
C ARG A 49 21.91 -6.92 -13.39
N GLY A 50 21.63 -8.20 -13.23
CA GLY A 50 20.95 -8.89 -14.32
C GLY A 50 19.48 -8.67 -14.67
N ASN A 51 18.82 -9.75 -15.08
CA ASN A 51 17.41 -9.72 -15.41
C ASN A 51 16.77 -10.47 -14.24
N ILE A 52 15.68 -9.97 -13.70
CA ILE A 52 15.03 -10.69 -12.64
C ILE A 52 14.09 -11.64 -13.40
N THR A 53 13.95 -12.87 -12.94
CA THR A 53 13.07 -13.81 -13.64
C THR A 53 12.07 -14.54 -12.72
N SER A 54 11.96 -14.04 -11.49
CA SER A 54 11.10 -14.61 -10.45
C SER A 54 9.66 -14.19 -10.59
N ASP A 55 8.75 -14.94 -9.99
CA ASP A 55 7.34 -14.59 -10.06
C ASP A 55 7.22 -13.22 -9.45
N ALA A 56 8.10 -12.94 -8.49
CA ALA A 56 8.09 -11.65 -7.83
C ALA A 56 7.92 -10.51 -8.82
N VAL A 57 8.43 -10.70 -10.04
CA VAL A 57 8.35 -9.68 -11.08
C VAL A 57 6.92 -9.49 -11.56
N PHE A 58 6.30 -10.61 -11.89
CA PHE A 58 4.92 -10.66 -12.32
C PHE A 58 3.99 -10.17 -11.19
N ASN A 59 4.13 -10.77 -10.00
CA ASN A 59 3.30 -10.41 -8.86
C ASN A 59 3.28 -8.90 -8.63
N PHE A 60 4.43 -8.27 -8.68
CA PHE A 60 4.48 -6.83 -8.45
C PHE A 60 3.64 -6.05 -9.43
N PHE A 61 3.76 -6.43 -10.69
CA PHE A 61 3.02 -5.73 -11.73
C PHE A 61 1.54 -6.10 -11.85
N ASP A 62 1.21 -7.35 -11.54
CA ASP A 62 -0.18 -7.79 -11.58
C ASP A 62 -0.95 -7.04 -10.46
N ASN A 63 -0.29 -6.85 -9.31
CA ASN A 63 -0.89 -6.13 -8.21
C ASN A 63 -1.10 -4.66 -8.50
N LEU A 64 -0.81 -4.23 -9.73
CA LEU A 64 -1.00 -2.84 -10.15
C LEU A 64 -2.33 -2.67 -10.88
N LEU A 65 -2.90 -3.80 -11.25
CA LEU A 65 -4.18 -3.80 -11.96
C LEU A 65 -5.29 -4.21 -11.01
N PRO A 66 -6.54 -3.83 -11.36
CA PRO A 66 -7.75 -4.14 -10.57
C PRO A 66 -7.84 -5.63 -10.22
N ASP A 67 -8.23 -5.91 -8.97
CA ASP A 67 -8.35 -7.27 -8.44
C ASP A 67 -9.39 -8.21 -9.08
N SER A 68 -10.46 -7.65 -9.65
CA SER A 68 -11.54 -8.45 -10.29
C SER A 68 -11.37 -8.82 -11.77
N PRO A 69 -11.45 -10.13 -12.06
CA PRO A 69 -11.33 -10.69 -13.40
C PRO A 69 -12.38 -10.15 -14.37
N ILE A 70 -13.43 -9.52 -13.84
CA ILE A 70 -14.48 -8.98 -14.68
C ILE A 70 -14.11 -7.56 -15.09
N VAL A 71 -13.40 -6.86 -14.20
CA VAL A 71 -12.98 -5.48 -14.49
C VAL A 71 -11.87 -5.55 -15.51
N ARG A 72 -11.01 -6.57 -15.41
CA ARG A 72 -9.91 -6.73 -16.34
C ARG A 72 -10.51 -6.74 -17.74
N ASP A 73 -11.52 -7.60 -17.92
CA ASP A 73 -12.21 -7.71 -19.20
C ASP A 73 -12.86 -6.35 -19.52
N ARG A 74 -13.26 -5.63 -18.49
CA ARG A 74 -13.89 -4.33 -18.70
C ARG A 74 -12.93 -3.40 -19.38
N ILE A 75 -11.65 -3.52 -19.05
CA ILE A 75 -10.62 -2.68 -19.62
C ILE A 75 -10.28 -3.06 -21.07
N VAL A 76 -10.16 -4.35 -21.35
CA VAL A 76 -9.84 -4.82 -22.69
C VAL A 76 -10.92 -4.43 -23.68
N LYS A 77 -11.95 -3.78 -23.16
CA LYS A 77 -13.07 -3.32 -23.98
C LYS A 77 -12.65 -2.24 -24.95
N ARG A 78 -12.63 -1.01 -24.44
CA ARG A 78 -12.26 0.19 -25.21
C ARG A 78 -10.94 0.06 -25.95
N TYR A 79 -9.87 -0.08 -25.18
CA TYR A 79 -8.53 -0.22 -25.73
C TYR A 79 -8.35 -1.66 -26.16
N HIS A 80 -8.17 -1.89 -27.45
CA HIS A 80 -7.97 -3.22 -27.97
C HIS A 80 -6.66 -3.83 -27.49
N ALA A 81 -6.65 -4.27 -26.24
CA ALA A 81 -5.45 -4.86 -25.66
C ALA A 81 -5.34 -6.25 -26.21
N LYS A 82 -4.09 -6.71 -26.40
CA LYS A 82 -3.88 -8.05 -26.91
C LYS A 82 -4.34 -9.14 -25.93
N SER A 83 -4.80 -8.73 -24.76
CA SER A 83 -5.27 -9.69 -23.74
C SER A 83 -5.60 -9.01 -22.40
N ARG A 84 -6.01 -9.82 -21.43
CA ARG A 84 -6.28 -9.34 -20.08
C ARG A 84 -4.98 -9.62 -19.32
N GLN A 85 -4.00 -10.08 -20.09
CA GLN A 85 -2.67 -10.39 -19.58
C GLN A 85 -2.07 -9.10 -18.98
N PRO A 86 -1.55 -9.20 -17.74
CA PRO A 86 -0.98 -8.02 -17.09
C PRO A 86 -0.26 -7.07 -18.05
N PHE A 87 0.85 -7.54 -18.61
CA PHE A 87 1.67 -6.72 -19.50
C PHE A 87 0.87 -5.87 -20.47
N ASP A 88 -0.01 -6.52 -21.21
CA ASP A 88 -0.82 -5.82 -22.21
C ASP A 88 -1.59 -4.63 -21.64
N LEU A 89 -2.47 -4.88 -20.68
CA LEU A 89 -3.24 -3.81 -20.05
C LEU A 89 -2.29 -2.71 -19.56
N LEU A 90 -1.23 -3.16 -18.88
CA LEU A 90 -0.20 -2.29 -18.31
C LEU A 90 0.36 -1.40 -19.39
N SER A 91 0.41 -1.94 -20.60
CA SER A 91 0.92 -1.20 -21.73
C SER A 91 -0.09 -0.17 -22.18
N GLU A 92 -1.35 -0.49 -21.95
CA GLU A 92 -2.44 0.38 -22.35
C GLU A 92 -2.74 1.48 -21.35
N ILE A 93 -3.35 1.09 -20.23
CA ILE A 93 -3.74 2.02 -19.16
C ILE A 93 -2.66 2.17 -18.09
N GLY A 94 -1.42 1.92 -18.52
CA GLY A 94 -0.25 1.96 -17.62
C GLY A 94 0.40 3.25 -17.15
N ARG A 95 -0.20 4.39 -17.47
CA ARG A 95 0.41 5.62 -17.09
C ARG A 95 0.25 6.11 -15.70
N ASP A 96 -0.97 6.24 -15.19
CA ASP A 96 -1.10 6.66 -13.75
C ASP A 96 -1.43 5.52 -12.71
N SER A 97 -0.45 4.62 -12.50
CA SER A 97 -0.66 3.61 -11.46
C SER A 97 -0.38 4.23 -10.05
N VAL A 98 -0.68 3.44 -9.03
CA VAL A 98 -0.44 3.91 -7.71
C VAL A 98 1.09 4.03 -7.49
N GLY A 99 1.46 4.63 -6.36
CA GLY A 99 2.87 4.79 -6.06
C GLY A 99 3.45 5.82 -7.00
N ALA A 100 4.30 5.38 -7.93
CA ALA A 100 4.93 6.29 -8.90
C ALA A 100 5.51 5.62 -10.12
N VAL A 101 5.25 4.33 -10.29
CA VAL A 101 5.74 3.60 -11.47
C VAL A 101 4.96 4.08 -12.70
N THR A 102 5.70 4.22 -13.81
CA THR A 102 5.09 4.69 -15.05
C THR A 102 5.58 3.83 -16.19
N LEU A 103 4.65 3.12 -16.85
CA LEU A 103 4.98 2.20 -17.95
C LEU A 103 4.62 2.75 -19.32
N ILE A 104 5.64 2.96 -20.14
CA ILE A 104 5.53 3.50 -21.49
C ILE A 104 6.21 2.53 -22.46
N PRO A 105 5.55 2.19 -23.55
CA PRO A 105 6.21 1.27 -24.49
C PRO A 105 7.55 1.85 -24.96
N GLU A 106 8.58 0.98 -25.03
CA GLU A 106 9.92 1.38 -25.46
C GLU A 106 9.83 2.13 -26.79
N ASP A 107 9.13 1.49 -27.72
CA ASP A 107 8.90 2.01 -29.07
C ASP A 107 7.86 3.12 -29.03
N GLU A 108 8.12 4.16 -28.25
CA GLU A 108 7.17 5.25 -28.15
C GLU A 108 7.54 6.27 -27.06
N THR A 109 8.54 7.12 -27.35
CA THR A 109 8.97 8.15 -26.39
C THR A 109 7.76 8.97 -25.99
N VAL A 110 7.12 9.55 -27.01
CA VAL A 110 5.95 10.40 -26.88
C VAL A 110 5.91 11.12 -25.54
N THR A 111 6.61 12.25 -25.46
CA THR A 111 6.63 13.04 -24.22
C THR A 111 5.21 13.57 -23.98
N HIS A 112 4.29 12.65 -23.66
CA HIS A 112 2.89 12.98 -23.40
C HIS A 112 2.79 14.18 -22.46
N PRO A 113 1.60 14.81 -22.39
CA PRO A 113 1.38 15.98 -21.53
C PRO A 113 1.97 15.88 -20.12
N ILE A 114 2.97 16.72 -19.85
CA ILE A 114 3.65 16.76 -18.56
C ILE A 114 2.69 17.19 -17.47
N MET A 115 1.97 18.28 -17.72
CA MET A 115 0.99 18.81 -16.76
C MET A 115 -0.26 19.37 -17.46
N ALA A 116 -1.03 18.50 -18.09
CA ALA A 116 -2.25 18.89 -18.78
C ALA A 116 -3.48 18.32 -18.11
N TRP A 117 -4.63 18.93 -18.37
CA TRP A 117 -5.90 18.49 -17.80
C TRP A 117 -7.08 19.24 -18.38
N GLU A 118 -8.08 18.49 -18.84
CA GLU A 118 -9.28 19.10 -19.40
C GLU A 118 -10.36 19.20 -18.32
N LYS A 119 -10.62 20.42 -17.83
CA LYS A 119 -11.64 20.69 -16.80
C LYS A 119 -12.99 20.04 -17.17
N LEU A 120 -13.53 19.28 -16.22
CA LEU A 120 -14.80 18.58 -16.42
C LEU A 120 -16.01 19.50 -16.22
N THR A 121 -17.08 19.24 -16.98
CA THR A 121 -18.32 20.01 -16.88
C THR A 121 -19.15 19.36 -15.78
N GLU A 122 -20.03 20.14 -15.14
CA GLU A 122 -20.85 19.61 -14.07
C GLU A 122 -21.53 18.29 -14.44
N ALA A 123 -21.68 18.06 -15.74
CA ALA A 123 -22.29 16.83 -16.26
C ALA A 123 -21.18 15.79 -16.42
N ARG A 124 -20.15 16.18 -17.18
CA ARG A 124 -19.00 15.31 -17.41
C ARG A 124 -18.59 14.63 -16.11
N LEU A 125 -18.63 15.39 -15.03
CA LEU A 125 -18.26 14.85 -13.74
C LEU A 125 -19.22 13.71 -13.42
N GLU A 126 -20.51 13.97 -13.58
CA GLU A 126 -21.54 12.98 -13.30
C GLU A 126 -21.41 11.79 -14.22
N GLU A 127 -20.92 12.07 -15.42
CA GLU A 127 -20.72 11.05 -16.44
C GLU A 127 -19.80 9.97 -15.92
N VAL A 128 -18.54 10.36 -15.70
CA VAL A 128 -17.53 9.44 -15.22
C VAL A 128 -17.93 8.78 -13.91
N LEU A 129 -18.70 9.51 -13.10
CA LEU A 129 -19.12 9.00 -11.80
C LEU A 129 -20.24 7.96 -11.88
N THR A 130 -20.51 7.49 -13.09
CA THR A 130 -21.56 6.52 -13.29
C THR A 130 -21.17 5.57 -14.41
N ALA A 131 -19.90 5.60 -14.81
CA ALA A 131 -19.43 4.74 -15.89
C ALA A 131 -19.54 3.25 -15.53
N TYR A 132 -19.72 2.98 -14.23
CA TYR A 132 -19.86 1.62 -13.72
C TYR A 132 -21.27 1.09 -13.94
N LYS A 133 -22.20 1.98 -14.27
CA LYS A 133 -23.57 1.59 -14.55
C LYS A 133 -23.66 0.88 -15.90
N ALA A 134 -22.83 1.31 -16.84
CA ALA A 134 -22.80 0.71 -18.17
C ALA A 134 -21.73 -0.37 -18.18
N ASP A 135 -20.74 -0.18 -19.05
CA ASP A 135 -19.62 -1.11 -19.17
C ASP A 135 -18.34 -0.33 -19.47
N ILE A 136 -18.11 0.67 -18.65
CA ILE A 136 -16.95 1.53 -18.75
C ILE A 136 -16.27 1.52 -17.38
N PRO A 137 -15.14 0.79 -17.25
CA PRO A 137 -14.37 0.68 -16.00
C PRO A 137 -13.47 1.87 -15.72
N LEU A 138 -13.27 2.15 -14.43
CA LEU A 138 -12.45 3.28 -13.99
C LEU A 138 -12.96 4.61 -14.55
N GLY A 139 -14.26 4.68 -14.80
CA GLY A 139 -14.88 5.89 -15.32
C GLY A 139 -14.27 6.41 -16.61
N ILE A 141 -14.64 6.99 -19.80
CA ILE A 141 -15.59 7.09 -20.90
C ILE A 141 -14.93 7.13 -22.27
N ARG A 142 -15.73 6.91 -23.32
CA ARG A 142 -15.26 6.93 -24.73
C ARG A 142 -14.82 8.34 -25.23
N GLU A 143 -14.15 9.09 -24.36
CA GLU A 143 -13.70 10.43 -24.73
C GLU A 143 -12.34 10.72 -24.09
N ASP A 146 -8.45 10.46 -24.19
CA ASP A 146 -7.10 10.45 -23.62
C ASP A 146 -7.11 10.17 -22.12
N PHE A 147 -7.35 8.92 -21.74
CA PHE A 147 -7.38 8.56 -20.32
C PHE A 147 -6.72 7.20 -20.08
N ARG A 148 -5.60 7.19 -19.35
CA ARG A 148 -4.86 5.98 -19.05
C ARG A 148 -4.51 5.87 -17.55
N ILE A 149 -5.54 5.92 -16.71
CA ILE A 149 -5.35 5.83 -15.26
C ILE A 149 -5.54 4.40 -14.71
N SER A 150 -4.87 4.11 -13.61
CA SER A 150 -4.96 2.81 -12.99
C SER A 150 -5.08 2.88 -11.46
N VAL A 151 -5.91 2.00 -10.91
CA VAL A 151 -6.10 1.91 -9.46
C VAL A 151 -6.30 0.44 -9.14
N ALA A 152 -5.82 0.04 -7.96
CA ALA A 152 -5.94 -1.34 -7.50
C ALA A 152 -7.12 -1.42 -6.54
N GLY A 153 -7.55 -2.64 -6.26
CA GLY A 153 -8.69 -2.83 -5.37
C GLY A 153 -9.80 -3.70 -5.96
N ALA A 154 -10.97 -3.71 -5.32
CA ALA A 154 -12.08 -4.52 -5.78
C ALA A 154 -13.37 -3.71 -6.03
N GLN A 155 -13.61 -2.68 -5.23
CA GLN A 155 -14.81 -1.87 -5.41
C GLN A 155 -14.71 -0.99 -6.63
N GLU A 156 -15.72 -0.14 -6.84
CA GLU A 156 -15.74 0.76 -7.99
C GLU A 156 -15.12 2.11 -7.69
N LYS A 157 -14.06 2.46 -8.42
CA LYS A 157 -13.39 3.73 -8.20
C LYS A 157 -12.81 4.33 -9.47
N THR A 158 -12.22 5.50 -9.33
CA THR A 158 -11.59 6.20 -10.44
C THR A 158 -10.87 7.40 -9.81
N ALA A 159 -9.60 7.61 -10.14
CA ALA A 159 -8.89 8.72 -9.57
C ALA A 159 -8.95 9.97 -10.45
N LEU A 160 -8.86 11.14 -9.84
CA LEU A 160 -8.89 12.38 -10.60
C LEU A 160 -7.92 13.45 -10.10
N LEU A 161 -7.75 14.48 -10.92
CA LEU A 161 -6.88 15.58 -10.58
C LEU A 161 -7.77 16.60 -9.95
N ARG A 162 -7.17 17.56 -9.25
CA ARG A 162 -7.95 18.62 -8.61
C ARG A 162 -7.16 19.90 -8.45
N ILE A 163 -7.39 20.81 -9.39
CA ILE A 163 -6.71 22.09 -9.42
C ILE A 163 -7.67 23.23 -9.07
N GLY A 164 -7.37 23.89 -7.96
CA GLY A 164 -8.20 24.99 -7.50
C GLY A 164 -9.57 24.45 -7.15
N ASN A 165 -10.58 24.89 -7.88
CA ASN A 165 -11.93 24.44 -7.62
C ASN A 165 -12.50 23.76 -8.81
N ASP A 166 -11.77 22.79 -9.34
CA ASP A 166 -12.24 22.04 -10.50
C ASP A 166 -11.75 20.61 -10.50
N TRP A 167 -12.64 19.69 -10.85
CA TRP A 167 -12.29 18.28 -10.96
C TRP A 167 -11.92 18.01 -12.44
N CYS A 168 -10.66 18.27 -12.76
CA CYS A 168 -10.14 18.12 -14.12
C CYS A 168 -9.63 16.72 -14.45
N ILE A 169 -10.02 16.24 -15.62
CA ILE A 169 -9.58 14.93 -16.06
C ILE A 169 -8.09 14.97 -16.37
N PRO A 170 -7.31 14.10 -15.72
CA PRO A 170 -5.87 14.06 -15.97
C PRO A 170 -5.56 13.85 -17.44
N LYS A 171 -4.60 14.59 -17.96
CA LYS A 171 -4.22 14.47 -19.36
C LYS A 171 -2.76 14.09 -19.43
N GLY A 172 -2.46 13.10 -20.25
CA GLY A 172 -1.09 12.63 -20.38
C GLY A 172 -0.70 11.85 -19.16
N ILE A 173 0.59 11.80 -18.86
CA ILE A 173 1.09 11.10 -17.69
C ILE A 173 0.91 11.95 -16.44
N THR A 174 0.06 12.98 -16.55
CA THR A 174 -0.24 13.87 -15.43
C THR A 174 -0.90 13.05 -14.35
N PRO A 175 -0.33 13.10 -13.13
CA PRO A 175 -0.84 12.35 -11.99
C PRO A 175 -2.10 12.94 -11.44
N THR A 176 -2.98 12.06 -10.98
CA THR A 176 -4.24 12.46 -10.40
C THR A 176 -3.88 12.88 -8.98
N THR A 177 -4.81 13.49 -8.26
CA THR A 177 -4.52 13.92 -6.90
C THR A 177 -5.50 13.31 -5.91
N HIS A 178 -6.61 12.80 -6.43
CA HIS A 178 -7.60 12.20 -5.58
C HIS A 178 -8.10 10.89 -6.12
N ILE A 179 -8.21 9.90 -5.24
CA ILE A 179 -8.76 8.61 -5.62
C ILE A 179 -10.29 8.64 -5.37
N ILE A 180 -11.08 8.85 -6.42
CA ILE A 180 -12.53 8.94 -6.27
C ILE A 180 -13.19 7.56 -6.19
N LYS A 181 -14.10 7.43 -5.25
CA LYS A 181 -14.83 6.19 -5.02
C LYS A 181 -16.36 6.32 -5.21
N LEU A 182 -16.98 5.26 -5.72
CA LEU A 182 -18.42 5.24 -5.94
C LEU A 182 -19.13 4.22 -5.08
N PRO A 183 -20.47 4.36 -4.95
CA PRO A 183 -21.33 3.47 -4.15
C PRO A 183 -21.23 2.01 -4.59
N ILE A 184 -20.73 1.19 -3.68
CA ILE A 184 -20.55 -0.25 -3.90
C ILE A 184 -21.51 -0.76 -4.97
N LEU A 196 -24.12 -3.19 1.31
CA LEU A 196 -23.48 -1.91 1.51
C LEU A 196 -24.01 -0.89 0.53
N SER A 197 -24.77 0.05 1.06
CA SER A 197 -25.38 1.07 0.23
C SER A 197 -24.49 2.31 0.07
N GLN A 198 -24.71 3.25 0.99
CA GLN A 198 -23.99 4.53 1.07
C GLN A 198 -22.57 4.33 1.56
N SER A 199 -21.84 3.45 0.87
CA SER A 199 -20.45 3.15 1.17
C SER A 199 -19.61 4.42 1.10
N VAL A 200 -20.05 5.39 0.31
CA VAL A 200 -19.35 6.65 0.20
C VAL A 200 -19.40 7.22 1.60
N ASP A 201 -20.56 7.10 2.24
CA ASP A 201 -20.74 7.62 3.60
C ASP A 201 -20.06 6.79 4.71
N ASN A 202 -20.24 5.48 4.65
CA ASN A 202 -19.61 4.64 5.63
C ASN A 202 -18.14 5.00 5.79
N GLU A 203 -17.48 5.28 4.69
CA GLU A 203 -16.06 5.59 4.76
C GLU A 203 -15.79 6.98 5.28
N TYR A 204 -16.43 7.96 4.62
CA TYR A 204 -16.26 9.36 4.97
C TYR A 204 -16.39 9.54 6.46
N TYR A 205 -17.18 8.67 7.07
CA TYR A 205 -17.37 8.74 8.52
C TYR A 205 -16.18 8.05 9.14
N CYS A 206 -15.98 6.80 8.74
CA CYS A 206 -14.88 6.05 9.27
C CYS A 206 -13.57 6.83 9.18
N LEU A 207 -13.36 7.59 8.11
CA LEU A 207 -12.10 8.37 7.97
C LEU A 207 -11.98 9.55 8.96
N LEU A 208 -13.11 10.22 9.23
CA LEU A 208 -13.14 11.34 10.16
C LEU A 208 -12.81 10.82 11.53
N LEU A 209 -13.57 9.86 12.00
CA LEU A 209 -13.33 9.27 13.30
C LEU A 209 -11.90 8.81 13.50
N ALA A 210 -11.31 8.19 12.49
CA ALA A 210 -9.94 7.71 12.58
C ALA A 210 -8.99 8.88 12.88
N LYS A 211 -9.16 9.96 12.13
CA LYS A 211 -8.34 11.15 12.32
C LYS A 211 -8.55 11.54 13.77
N GLU A 212 -9.78 11.88 14.13
CA GLU A 212 -10.13 12.29 15.49
C GLU A 212 -9.53 11.48 16.65
N LEU A 213 -9.01 10.30 16.36
CA LEU A 213 -8.42 9.46 17.41
C LEU A 213 -6.91 9.43 17.29
N GLY A 214 -6.38 10.27 16.42
CA GLY A 214 -4.93 10.33 16.24
C GLY A 214 -4.36 9.18 15.45
N LEU A 215 -4.99 8.88 14.32
CA LEU A 215 -4.56 7.80 13.43
C LEU A 215 -4.13 8.44 12.13
N ASN A 216 -3.17 7.82 11.45
CA ASN A 216 -2.69 8.42 10.21
C ASN A 216 -3.55 8.01 9.02
N VAL A 217 -4.48 8.89 8.65
CA VAL A 217 -5.39 8.64 7.55
C VAL A 217 -5.58 9.86 6.71
N PRO A 218 -5.75 9.69 5.42
CA PRO A 218 -5.92 10.85 4.54
C PRO A 218 -7.26 11.50 4.68
N ASP A 219 -7.31 12.81 4.45
CA ASP A 219 -8.57 13.56 4.49
C ASP A 219 -9.48 12.97 3.41
N ALA A 220 -10.78 13.19 3.54
CA ALA A 220 -11.71 12.68 2.55
C ALA A 220 -12.94 13.56 2.42
N GLU A 221 -13.25 13.96 1.19
CA GLU A 221 -14.42 14.79 0.93
C GLU A 221 -15.34 14.05 -0.07
N ILE A 222 -16.63 14.20 0.14
CA ILE A 222 -17.62 13.53 -0.70
C ILE A 222 -18.21 14.48 -1.70
N ILE A 223 -18.14 14.12 -2.98
CA ILE A 223 -18.72 14.97 -4.02
C ILE A 223 -20.12 14.46 -4.41
N LYS A 224 -21.00 15.38 -4.74
CA LYS A 224 -22.36 15.04 -5.11
C LYS A 224 -22.56 15.36 -6.56
N ALA A 225 -23.17 14.42 -7.27
CA ALA A 225 -23.47 14.56 -8.70
C ALA A 225 -24.89 14.05 -8.99
N GLY A 226 -25.88 14.89 -8.74
CA GLY A 226 -27.26 14.50 -8.96
C GLY A 226 -27.59 13.14 -8.36
N ASN A 227 -28.09 12.25 -9.21
CA ASN A 227 -28.48 10.90 -8.81
C ASN A 227 -27.31 9.98 -8.42
N VAL A 228 -26.19 10.57 -7.98
CA VAL A 228 -25.02 9.78 -7.59
C VAL A 228 -24.13 10.50 -6.58
N ARG A 229 -23.57 9.71 -5.66
CA ARG A 229 -22.70 10.21 -4.58
C ARG A 229 -21.36 9.52 -4.76
N ALA A 230 -20.30 10.31 -4.76
CA ALA A 230 -18.96 9.75 -4.93
C ALA A 230 -17.96 10.32 -3.92
N LEU A 231 -17.18 9.43 -3.31
CA LEU A 231 -16.18 9.83 -2.34
C LEU A 231 -14.85 10.26 -2.98
N ALA A 232 -14.33 11.42 -2.55
CA ALA A 232 -13.07 11.90 -3.10
C ALA A 232 -12.01 12.01 -2.00
N VAL A 233 -11.10 11.03 -1.96
CA VAL A 233 -9.98 10.96 -1.00
C VAL A 233 -8.68 11.59 -1.59
N GLU A 234 -7.92 12.26 -0.73
CA GLU A 234 -6.69 12.91 -1.12
C GLU A 234 -5.59 11.84 -1.13
N ARG A 235 -4.69 11.88 -2.12
CA ARG A 235 -3.64 10.85 -2.22
C ARG A 235 -2.33 11.12 -1.49
N PHE A 236 -1.96 10.22 -0.56
CA PHE A 236 -0.74 10.42 0.19
C PHE A 236 0.42 9.86 -0.55
N ASP A 237 0.31 9.75 -1.87
CA ASP A 237 1.40 9.24 -2.68
C ASP A 237 1.56 10.24 -3.77
N ARG A 238 1.34 11.50 -3.44
CA ARG A 238 1.46 12.58 -4.41
C ARG A 238 1.89 13.77 -3.61
N ARG A 239 2.56 14.71 -4.25
CA ARG A 239 3.06 15.85 -3.53
C ARG A 239 3.64 16.84 -4.50
N TRP A 240 3.22 18.09 -4.39
CA TRP A 240 3.71 19.15 -5.25
C TRP A 240 5.20 19.30 -4.99
N ASN A 241 5.95 19.82 -5.95
CA ASN A 241 7.38 20.00 -5.76
C ASN A 241 7.70 21.37 -5.17
N ALA A 242 8.97 21.72 -5.19
CA ALA A 242 9.43 22.99 -4.68
C ALA A 242 8.56 24.16 -5.13
N ARG A 243 8.60 24.51 -6.42
CA ARG A 243 7.85 25.67 -6.96
C ARG A 243 6.39 25.48 -7.34
N ARG A 244 5.71 24.48 -6.77
CA ARG A 244 4.30 24.27 -7.08
C ARG A 244 4.17 24.09 -8.59
N THR A 245 5.26 23.69 -9.23
CA THR A 245 5.31 23.48 -10.67
C THR A 245 5.06 22.03 -11.07
N VAL A 246 5.84 21.11 -10.52
CA VAL A 246 5.72 19.69 -10.84
C VAL A 246 4.97 18.92 -9.75
N LEU A 247 4.17 17.94 -10.17
CA LEU A 247 3.40 17.12 -9.25
C LEU A 247 4.18 15.85 -9.23
N LEU A 248 4.86 15.59 -8.11
CA LEU A 248 5.70 14.41 -7.96
C LEU A 248 4.93 13.23 -7.44
N ARG A 249 5.40 12.04 -7.77
CA ARG A 249 4.77 10.81 -7.30
C ARG A 249 5.75 10.10 -6.35
N LEU A 250 5.30 9.84 -5.13
CA LEU A 250 6.13 9.18 -4.13
C LEU A 250 6.05 7.67 -4.29
N PRO A 251 7.18 6.99 -4.39
CA PRO A 251 7.16 5.54 -4.54
C PRO A 251 6.55 4.87 -3.32
N GLN A 252 5.83 3.78 -3.56
CA GLN A 252 5.19 2.99 -2.52
C GLN A 252 4.73 1.65 -3.03
N GLU A 253 4.33 0.79 -2.11
CA GLU A 253 3.85 -0.53 -2.47
C GLU A 253 3.00 -1.07 -1.31
N ASP A 254 2.13 -2.03 -1.61
CA ASP A 254 1.30 -2.61 -0.57
C ASP A 254 1.97 -3.88 -0.04
N MET A 255 1.63 -4.27 1.17
CA MET A 255 2.22 -5.42 1.79
C MET A 255 2.20 -6.67 0.97
N CYS A 256 1.48 -6.69 -0.15
CA CYS A 256 1.44 -7.88 -1.02
C CYS A 256 2.70 -7.86 -1.89
N GLN A 257 2.94 -6.71 -2.52
CA GLN A 257 4.10 -6.55 -3.35
C GLN A 257 5.32 -6.79 -2.48
N THR A 258 5.40 -6.14 -1.34
CA THR A 258 6.57 -6.32 -0.47
C THR A 258 7.08 -7.75 -0.42
N PHE A 259 6.30 -8.67 0.13
CA PHE A 259 6.71 -10.06 0.24
C PHE A 259 6.63 -10.74 -1.11
N GLY A 260 6.24 -9.97 -2.12
CA GLY A 260 6.15 -10.50 -3.48
C GLY A 260 5.15 -11.63 -3.63
N LEU A 261 3.95 -11.41 -3.08
CA LEU A 261 2.87 -12.40 -3.15
C LEU A 261 1.79 -11.86 -4.06
N PRO A 262 0.92 -12.75 -4.55
CA PRO A 262 -0.18 -12.39 -5.45
C PRO A 262 -1.44 -11.94 -4.70
N SER A 263 -2.18 -11.03 -5.35
CA SER A 263 -3.41 -10.49 -4.77
C SER A 263 -4.25 -11.63 -4.22
N SER A 264 -4.08 -12.79 -4.81
CA SER A 264 -4.80 -13.96 -4.41
C SER A 264 -4.73 -14.19 -2.89
N VAL A 265 -3.54 -14.04 -2.30
CA VAL A 265 -3.39 -14.28 -0.87
C VAL A 265 -3.55 -13.06 0.05
N LYS A 266 -4.27 -12.05 -0.44
CA LYS A 266 -4.48 -10.86 0.34
C LYS A 266 -4.88 -11.14 1.79
N TYR A 267 -5.86 -12.03 1.99
CA TYR A 267 -6.33 -12.38 3.36
C TYR A 267 -5.51 -13.41 4.11
N GLU A 268 -5.28 -13.18 5.39
CA GLU A 268 -4.46 -14.11 6.13
C GLU A 268 -5.02 -15.50 6.01
N SER A 269 -6.30 -15.56 5.65
CA SER A 269 -6.98 -16.84 5.51
C SER A 269 -6.95 -17.37 4.06
N ASP A 270 -5.78 -17.25 3.41
CA ASP A 270 -5.56 -17.72 2.04
C ASP A 270 -4.08 -18.06 1.97
N GLY A 271 -3.30 -17.20 2.64
CA GLY A 271 -1.86 -17.35 2.69
C GLY A 271 -1.21 -16.00 2.92
N GLY A 272 -1.99 -14.92 2.85
CA GLY A 272 -1.45 -13.59 3.05
C GLY A 272 -0.77 -13.38 4.40
N PRO A 273 -0.06 -12.25 4.58
CA PRO A 273 0.62 -11.94 5.83
C PRO A 273 -0.35 -11.42 6.91
N GLY A 274 0.05 -11.52 8.17
CA GLY A 274 -0.80 -11.04 9.26
C GLY A 274 -0.01 -10.22 10.27
N ILE A 275 -0.59 -10.01 11.45
CA ILE A 275 0.10 -9.22 12.48
C ILE A 275 1.61 -9.46 12.57
N ALA A 276 2.00 -10.68 12.94
CA ALA A 276 3.42 -11.01 13.07
C ALA A 276 4.34 -10.59 11.89
N ARG A 277 4.31 -11.40 10.82
CA ARG A 277 5.09 -11.11 9.64
C ARG A 277 5.20 -9.62 9.49
N ILE A 278 4.06 -8.98 9.28
CA ILE A 278 4.08 -7.55 9.13
C ILE A 278 4.90 -6.86 10.20
N MET A 279 4.55 -7.08 11.47
CA MET A 279 5.24 -6.41 12.58
C MET A 279 6.71 -6.66 12.54
N ALA A 280 7.10 -7.86 12.13
CA ALA A 280 8.50 -8.19 12.02
C ALA A 280 9.17 -7.30 10.94
N PHE A 281 8.49 -7.21 9.81
CA PHE A 281 8.94 -6.41 8.70
C PHE A 281 9.14 -4.97 9.08
N LEU A 282 8.34 -4.51 10.03
CA LEU A 282 8.45 -3.13 10.43
C LEU A 282 9.68 -2.81 11.27
N GLY A 284 12.40 -3.12 10.48
CA GLY A 284 13.36 -2.62 9.51
C GLY A 284 12.97 -1.27 8.96
N SER A 285 11.96 -0.66 9.54
CA SER A 285 11.58 0.64 9.07
C SER A 285 12.59 1.67 9.50
N SER A 286 12.49 2.87 8.94
CA SER A 286 13.37 3.93 9.34
C SER A 286 12.74 4.60 10.55
N GLU A 287 11.48 4.20 10.83
CA GLU A 287 10.68 4.72 11.99
C GLU A 287 10.01 3.56 12.61
N ALA A 288 10.75 2.47 12.59
CA ALA A 288 10.36 1.20 13.17
C ALA A 288 9.64 1.30 14.51
N LEU A 289 10.37 1.65 15.55
CA LEU A 289 9.75 1.68 16.86
C LEU A 289 8.45 2.42 16.84
N LYS A 290 8.31 3.48 16.06
CA LYS A 290 7.05 4.20 16.02
C LYS A 290 5.96 3.48 15.16
N ASP A 291 6.32 3.13 13.93
CA ASP A 291 5.39 2.46 13.03
C ASP A 291 4.93 1.22 13.74
N ARG A 292 5.92 0.46 14.19
CA ARG A 292 5.64 -0.79 14.89
C ARG A 292 4.50 -0.58 15.91
N TYR A 293 4.46 0.60 16.50
CA TYR A 293 3.44 0.94 17.48
C TYR A 293 2.11 1.30 16.89
N ASP A 294 2.13 2.06 15.82
CA ASP A 294 0.90 2.49 15.17
C ASP A 294 0.16 1.37 14.47
N PHE A 295 0.89 0.38 13.97
CA PHE A 295 0.25 -0.70 13.26
C PHE A 295 -0.61 -1.42 14.27
N MET A 296 -0.12 -1.48 15.50
CA MET A 296 -0.88 -2.14 16.61
C MET A 296 -2.13 -1.34 16.97
N LYS A 297 -1.94 -0.08 17.35
CA LYS A 297 -3.02 0.81 17.74
C LYS A 297 -4.15 0.60 16.75
N PHE A 298 -3.82 0.63 15.45
CA PHE A 298 -4.80 0.46 14.38
C PHE A 298 -5.50 -0.85 14.51
N GLN A 299 -4.75 -1.91 14.79
CA GLN A 299 -5.38 -3.22 14.95
C GLN A 299 -6.58 -3.08 15.86
N VAL A 300 -6.34 -2.48 17.03
CA VAL A 300 -7.36 -2.29 18.02
C VAL A 300 -8.48 -1.35 17.60
N PHE A 301 -8.19 -0.49 16.62
CA PHE A 301 -9.24 0.43 16.13
C PHE A 301 -10.13 -0.35 15.14
N GLN A 302 -9.49 -1.11 14.26
CA GLN A 302 -10.24 -1.91 13.29
C GLN A 302 -11.21 -2.78 14.09
N TRP A 303 -10.80 -3.09 15.31
CA TRP A 303 -11.63 -3.88 16.21
C TRP A 303 -12.87 -3.04 16.54
N LEU A 304 -12.66 -1.97 17.33
CA LEU A 304 -13.71 -1.04 17.74
C LEU A 304 -14.73 -0.65 16.66
N ILE A 305 -14.29 -0.29 15.45
CA ILE A 305 -15.28 0.09 14.42
C ILE A 305 -15.63 -1.14 13.57
N GLY A 306 -14.99 -2.26 13.93
CA GLY A 306 -15.22 -3.50 13.21
C GLY A 306 -15.14 -3.27 11.70
N ALA A 307 -13.91 -3.16 11.23
CA ALA A 307 -13.63 -2.95 9.82
C ALA A 307 -13.20 -4.33 9.45
N THR A 308 -13.42 -4.73 8.21
CA THR A 308 -13.02 -6.07 7.80
C THR A 308 -12.37 -6.17 6.41
N GLN A 309 -11.35 -5.36 6.17
CA GLN A 309 -10.66 -5.38 4.90
C GLN A 309 -9.17 -5.38 5.17
N GLY A 310 -8.77 -5.62 6.41
CA GLY A 310 -7.35 -5.64 6.76
C GLY A 310 -6.52 -6.72 6.06
N HIS A 311 -6.60 -6.77 4.73
CA HIS A 311 -5.86 -7.75 3.96
C HIS A 311 -4.60 -7.02 3.50
N ALA A 312 -3.47 -7.73 3.47
CA ALA A 312 -2.20 -7.13 3.08
C ALA A 312 -2.39 -6.00 2.14
N LYS A 313 -3.05 -6.22 1.02
CA LYS A 313 -3.21 -5.13 0.07
C LYS A 313 -3.76 -3.79 0.56
N ASN A 314 -3.92 -3.64 1.87
CA ASN A 314 -4.44 -2.38 2.43
C ASN A 314 -3.46 -1.54 3.27
N PHE A 315 -2.27 -2.08 3.43
CA PHE A 315 -1.19 -1.43 4.14
C PHE A 315 -0.05 -1.08 3.16
N SER A 316 0.48 0.13 3.20
CA SER A 316 1.58 0.46 2.31
C SER A 316 2.79 1.10 2.98
N VAL A 317 3.98 0.80 2.45
CA VAL A 317 5.19 1.39 2.97
C VAL A 317 5.67 2.25 1.83
N PHE A 318 6.33 3.36 2.18
CA PHE A 318 6.91 4.28 1.24
C PHE A 318 8.27 3.69 0.91
N ILE A 319 8.67 3.69 -0.34
CA ILE A 319 9.98 3.19 -0.66
C ILE A 319 10.83 4.43 -0.85
N GLN A 320 11.77 4.66 0.07
CA GLN A 320 12.64 5.84 0.04
C GLN A 320 13.95 5.47 -0.63
N ALA A 321 14.88 6.43 -0.73
CA ALA A 321 16.18 6.18 -1.34
C ALA A 321 17.07 5.17 -0.59
N GLY A 322 17.94 4.50 -1.31
CA GLY A 322 18.79 3.53 -0.64
C GLY A 322 18.04 2.29 -0.19
N GLY A 323 16.73 2.21 -0.47
CA GLY A 323 15.98 1.04 -0.07
C GLY A 323 15.29 1.14 1.28
N SER A 324 15.11 2.34 1.82
CA SER A 324 14.42 2.45 3.09
C SER A 324 12.96 2.29 2.88
N TYR A 325 12.19 2.37 3.96
CA TYR A 325 10.74 2.29 3.88
C TYR A 325 10.12 2.48 5.25
N ARG A 326 8.91 3.05 5.28
CA ARG A 326 8.14 3.30 6.49
C ARG A 326 6.63 3.15 6.18
N LEU A 327 5.77 2.95 7.18
CA LEU A 327 4.33 2.80 6.90
C LEU A 327 3.75 4.05 6.26
N THR A 328 2.78 3.89 5.36
CA THR A 328 2.08 5.04 4.75
C THR A 328 0.84 5.24 5.62
N PRO A 329 0.21 6.42 5.56
CA PRO A 329 -0.97 6.56 6.42
C PRO A 329 -1.95 5.45 6.09
N PHE A 330 -2.81 5.08 7.04
CA PHE A 330 -3.78 4.00 6.81
C PHE A 330 -4.80 4.58 5.88
N TYR A 331 -5.48 3.73 5.12
CA TYR A 331 -6.43 4.20 4.12
C TYR A 331 -7.50 3.19 3.92
N ASP A 332 -8.51 3.56 3.15
CA ASP A 332 -9.64 2.69 2.87
C ASP A 332 -10.13 1.94 4.14
N ILE A 333 -10.98 2.57 4.93
CA ILE A 333 -11.49 1.97 6.16
C ILE A 333 -13.00 2.04 6.11
N ILE A 334 -13.64 0.89 6.04
CA ILE A 334 -15.08 0.90 5.98
C ILE A 334 -15.62 0.07 7.11
N SER A 335 -16.68 0.59 7.74
CA SER A 335 -17.35 -0.05 8.88
C SER A 335 -18.29 -1.21 8.55
N ALA A 336 -17.95 -2.41 8.94
CA ALA A 336 -18.82 -3.53 8.64
C ALA A 336 -19.88 -3.67 9.73
N PHE A 337 -20.56 -2.57 10.04
CA PHE A 337 -21.58 -2.55 11.09
C PHE A 337 -22.95 -2.34 10.55
N PRO A 338 -23.12 -1.32 9.70
CA PRO A 338 -24.44 -1.05 9.12
C PRO A 338 -25.06 -2.30 8.52
N VAL A 339 -24.30 -3.38 8.47
CA VAL A 339 -24.73 -4.65 7.90
C VAL A 339 -25.37 -5.64 8.90
N LEU A 340 -25.56 -5.20 10.14
CA LEU A 340 -26.17 -6.07 11.15
C LEU A 340 -27.66 -5.80 11.22
N GLY A 341 -28.39 -6.73 11.82
CA GLY A 341 -29.83 -6.54 11.93
C GLY A 341 -30.59 -6.98 10.70
N GLY A 342 -30.78 -6.05 9.75
CA GLY A 342 -31.51 -6.32 8.52
C GLY A 342 -31.52 -7.76 7.99
N THR A 343 -30.35 -8.41 8.08
CA THR A 343 -30.14 -9.79 7.66
C THR A 343 -29.75 -10.69 8.86
N GLY A 344 -29.31 -11.92 8.59
CA GLY A 344 -28.94 -12.82 9.68
C GLY A 344 -27.66 -12.36 10.32
N ILE A 345 -26.88 -11.66 9.50
CA ILE A 345 -25.58 -11.08 9.83
C ILE A 345 -25.50 -10.40 11.19
N HIS A 346 -24.69 -10.97 12.07
CA HIS A 346 -24.52 -10.38 13.38
C HIS A 346 -23.08 -10.31 13.89
N ILE A 347 -22.81 -9.32 14.73
CA ILE A 347 -21.50 -9.10 15.30
C ILE A 347 -20.69 -10.37 15.61
N SER A 348 -21.36 -11.51 15.68
CA SER A 348 -20.71 -12.78 15.96
C SER A 348 -20.15 -13.37 14.68
N ASP A 349 -20.65 -12.87 13.56
CA ASP A 349 -20.24 -13.29 12.21
C ASP A 349 -19.04 -12.47 11.73
N LEU A 350 -18.90 -11.26 12.28
CA LEU A 350 -17.81 -10.36 11.96
C LEU A 350 -16.47 -10.89 12.47
N LYS A 351 -15.49 -10.92 11.55
CA LYS A 351 -14.12 -11.36 11.83
C LYS A 351 -13.04 -10.33 11.42
N LEU A 352 -11.90 -10.35 12.10
CA LEU A 352 -10.82 -9.41 11.79
C LEU A 352 -9.92 -9.99 10.71
N ALA A 353 -9.74 -9.27 9.61
CA ALA A 353 -8.92 -9.77 8.52
C ALA A 353 -7.66 -10.50 9.05
N MET A 354 -6.92 -9.87 9.95
CA MET A 354 -5.72 -10.48 10.54
C MET A 354 -5.94 -10.98 11.98
N GLY A 355 -5.76 -12.26 12.25
CA GLY A 355 -6.01 -12.66 13.63
C GLY A 355 -4.96 -12.33 14.67
N LEU A 356 -5.39 -12.01 15.88
CA LEU A 356 -4.47 -11.76 16.98
C LEU A 356 -4.40 -13.11 17.66
N ASN A 357 -3.37 -13.31 18.46
CA ASN A 357 -3.20 -14.57 19.11
C ASN A 357 -4.18 -14.67 20.27
N ALA A 358 -4.37 -15.90 20.76
CA ALA A 358 -5.24 -16.26 21.88
C ALA A 358 -4.63 -17.54 22.45
N SER A 359 -5.38 -18.28 23.26
CA SER A 359 -4.84 -19.55 23.80
C SER A 359 -5.32 -20.71 22.94
N LYS A 360 -6.62 -20.72 22.66
CA LYS A 360 -7.26 -21.76 21.84
C LYS A 360 -6.70 -21.78 20.42
N GLY A 361 -5.70 -20.93 20.18
CA GLY A 361 -5.10 -20.84 18.86
C GLY A 361 -4.86 -19.38 18.54
N LYS A 362 -5.80 -18.77 17.81
CA LYS A 362 -5.70 -17.36 17.41
C LYS A 362 -7.11 -16.75 17.21
N LYS A 363 -7.60 -16.04 18.21
CA LYS A 363 -8.93 -15.44 18.09
C LYS A 363 -9.06 -14.51 16.90
N THR A 364 -10.18 -14.60 16.21
CA THR A 364 -10.40 -13.75 15.05
C THR A 364 -11.84 -13.22 14.96
N ALA A 365 -12.56 -13.26 16.06
CA ALA A 365 -13.92 -12.76 16.04
C ALA A 365 -14.07 -11.54 16.93
N ILE A 366 -14.45 -10.43 16.32
CA ILE A 366 -14.66 -9.16 17.03
C ILE A 366 -15.43 -9.33 18.35
N ASP A 367 -16.66 -9.82 18.25
CA ASP A 367 -17.54 -10.02 19.39
C ASP A 367 -16.94 -10.86 20.52
N LYS A 368 -16.25 -11.95 20.19
CA LYS A 368 -15.66 -12.82 21.22
C LYS A 368 -14.38 -12.25 21.77
N ILE A 369 -13.86 -11.23 21.09
CA ILE A 369 -12.61 -10.58 21.46
C ILE A 369 -12.64 -9.57 22.62
N TYR A 370 -11.69 -9.71 23.54
CA TYR A 370 -11.59 -8.81 24.70
C TYR A 370 -10.16 -8.32 24.87
N PRO A 371 -9.99 -7.12 25.44
CA PRO A 371 -8.67 -6.53 25.67
C PRO A 371 -7.60 -7.57 25.92
N ARG A 372 -7.88 -8.51 26.81
CA ARG A 372 -6.93 -9.57 27.14
C ARG A 372 -6.30 -10.19 25.90
N HIS A 373 -7.10 -10.43 24.87
CA HIS A 373 -6.57 -11.02 23.65
C HIS A 373 -5.45 -10.22 22.95
N PHE A 374 -5.58 -8.89 22.98
CA PHE A 374 -4.58 -8.05 22.36
C PHE A 374 -3.29 -8.18 23.15
N LEU A 375 -3.36 -8.00 24.46
CA LEU A 375 -2.16 -8.10 25.29
C LEU A 375 -1.46 -9.45 25.20
N ALA A 376 -2.17 -10.46 24.69
CA ALA A 376 -1.62 -11.82 24.55
C ALA A 376 -0.71 -11.76 23.36
N THR A 377 -1.28 -11.21 22.29
CA THR A 377 -0.59 -11.03 21.03
C THR A 377 0.57 -10.06 21.26
N ALA A 378 0.29 -8.94 21.93
CA ALA A 378 1.33 -7.96 22.23
C ALA A 378 2.37 -8.56 23.17
N LYS A 379 2.14 -9.79 23.60
CA LYS A 379 3.04 -10.43 24.51
C LYS A 379 3.96 -11.38 23.76
N VAL A 380 3.46 -11.99 22.70
CA VAL A 380 4.28 -12.92 21.94
C VAL A 380 5.23 -12.17 21.04
N LEU A 381 4.68 -11.23 20.27
CA LEU A 381 5.43 -10.41 19.34
C LEU A 381 6.46 -9.52 20.04
N ARG A 382 6.46 -9.57 21.36
CA ARG A 382 7.39 -8.80 22.18
C ARG A 382 7.18 -7.28 22.19
N PHE A 383 6.05 -6.83 21.66
CA PHE A 383 5.67 -5.43 21.64
C PHE A 383 5.44 -5.00 23.11
N PRO A 384 6.28 -4.08 23.61
CA PRO A 384 6.20 -3.59 24.98
C PRO A 384 4.82 -3.65 25.59
N GLU A 385 4.62 -4.57 26.53
CA GLU A 385 3.31 -4.70 27.16
C GLU A 385 2.86 -3.31 27.66
N VAL A 386 3.82 -2.53 28.10
CA VAL A 386 3.52 -1.25 28.68
C VAL A 386 2.97 -0.31 27.67
N GLN A 387 3.36 -0.54 26.42
CA GLN A 387 2.86 0.24 25.25
C GLN A 387 1.43 -0.15 24.84
N MET A 388 1.11 -1.45 24.98
CA MET A 388 -0.21 -1.96 24.61
C MET A 388 -1.18 -1.43 25.65
N HIS A 389 -0.71 -1.33 26.89
CA HIS A 389 -1.51 -0.88 28.00
C HIS A 389 -1.93 0.52 27.66
N GLU A 390 -0.98 1.31 27.14
CA GLU A 390 -1.23 2.72 26.77
C GLU A 390 -2.19 2.95 25.57
N ILE A 391 -2.22 2.00 24.66
CA ILE A 391 -3.10 2.11 23.49
C ILE A 391 -4.51 1.76 23.93
N LEU A 392 -4.61 0.89 24.93
CA LEU A 392 -5.90 0.49 25.42
C LEU A 392 -6.47 1.61 26.28
N SER A 393 -5.60 2.19 27.10
CA SER A 393 -5.97 3.30 27.97
C SER A 393 -6.32 4.54 27.17
N ASP A 394 -5.63 4.83 26.10
CA ASP A 394 -6.00 6.01 25.37
C ASP A 394 -7.34 5.87 24.64
N PHE A 395 -7.70 4.66 24.21
CA PHE A 395 -8.97 4.44 23.53
C PHE A 395 -10.06 4.44 24.58
N ALA A 396 -9.74 3.80 25.71
CA ALA A 396 -10.66 3.73 26.83
C ALA A 396 -11.16 5.14 27.25
N ARG A 397 -10.45 6.21 26.88
CA ARG A 397 -10.91 7.53 27.31
C ARG A 397 -11.02 8.61 26.26
N ILE A 399 -12.71 7.65 23.01
CA ILE A 399 -13.74 7.17 22.09
C ILE A 399 -14.91 8.13 22.14
N PRO A 400 -15.53 8.31 23.33
CA PRO A 400 -16.66 9.24 23.49
C PRO A 400 -16.43 10.63 22.84
N ALA A 401 -15.50 11.39 23.38
CA ALA A 401 -15.15 12.70 22.84
C ALA A 401 -14.90 12.65 21.31
N ALA A 402 -14.14 11.64 20.87
CA ALA A 402 -13.82 11.44 19.45
C ALA A 402 -15.10 11.34 18.64
N LEU A 403 -16.01 10.51 19.15
CA LEU A 403 -17.28 10.30 18.52
C LEU A 403 -18.02 11.60 18.37
N ASP A 404 -18.36 12.24 19.49
CA ASP A 404 -19.13 13.50 19.44
C ASP A 404 -18.49 14.60 18.58
N ASN A 405 -17.25 14.96 18.86
CA ASN A 405 -16.60 16.00 18.08
C ASN A 405 -16.65 15.72 16.58
N VAL A 406 -16.99 14.48 16.21
CA VAL A 406 -17.13 14.04 14.82
C VAL A 406 -18.59 14.23 14.40
N LYS A 407 -19.49 13.60 15.15
CA LYS A 407 -20.93 13.67 14.94
C LYS A 407 -21.34 15.09 14.57
N THR A 408 -20.90 16.03 15.38
CA THR A 408 -21.24 17.42 15.20
C THR A 408 -20.56 18.01 13.98
N SER A 409 -20.08 17.16 13.08
CA SER A 409 -19.44 17.64 11.85
C SER A 409 -20.11 17.14 10.57
N LEU A 410 -20.50 15.88 10.57
CA LEU A 410 -21.16 15.26 9.43
C LEU A 410 -22.15 16.24 8.88
N PRO A 411 -22.29 16.32 7.55
CA PRO A 411 -23.25 17.27 6.96
C PRO A 411 -24.70 17.00 7.41
N THR A 412 -25.45 18.08 7.53
CA THR A 412 -26.84 18.03 7.98
C THR A 412 -27.68 17.09 7.13
N ASP A 413 -27.06 16.51 6.11
CA ASP A 413 -27.74 15.58 5.22
C ASP A 413 -27.13 14.18 5.33
N PHE A 414 -26.13 14.04 6.19
CA PHE A 414 -25.51 12.75 6.32
C PHE A 414 -26.50 11.77 6.87
N PRO A 415 -26.69 10.67 6.16
CA PRO A 415 -27.62 9.62 6.56
C PRO A 415 -27.32 8.94 7.89
N GLU A 416 -28.21 9.34 8.77
CA GLU A 416 -28.37 8.93 10.10
C GLU A 416 -28.25 7.55 10.71
N ASN A 417 -28.40 6.43 10.00
CA ASN A 417 -28.30 5.21 10.82
C ASN A 417 -26.92 4.79 10.80
N VAL A 418 -26.28 5.21 9.73
CA VAL A 418 -24.90 4.98 9.48
C VAL A 418 -24.21 5.39 10.72
N VAL A 419 -24.45 6.64 11.13
CA VAL A 419 -23.84 7.15 12.35
C VAL A 419 -24.34 6.35 13.56
N THR A 420 -25.64 6.28 13.71
CA THR A 420 -26.15 5.51 14.81
C THR A 420 -25.66 4.07 14.84
N ALA A 421 -25.90 3.37 13.74
CA ALA A 421 -25.50 1.97 13.59
C ALA A 421 -24.03 1.77 13.85
N VAL A 422 -23.21 2.73 13.44
CA VAL A 422 -21.76 2.61 13.61
C VAL A 422 -21.31 3.09 15.01
N GLU A 423 -21.92 4.20 15.44
CA GLU A 423 -21.62 4.81 16.73
C GLU A 423 -22.10 4.02 17.95
N SER A 424 -23.22 3.34 17.82
CA SER A 424 -23.72 2.56 18.92
C SER A 424 -22.97 1.22 19.21
N ASN A 425 -22.66 0.44 18.18
CA ASN A 425 -21.96 -0.85 18.36
C ASN A 425 -20.56 -0.57 18.83
N VAL A 426 -20.02 0.52 18.28
CA VAL A 426 -18.68 0.91 18.64
C VAL A 426 -18.61 1.09 20.14
N LEU A 427 -19.53 1.89 20.69
CA LEU A 427 -19.55 2.10 22.12
C LEU A 427 -19.66 0.78 22.87
N ARG A 428 -20.53 -0.12 22.42
CA ARG A 428 -20.68 -1.39 23.11
C ARG A 428 -19.31 -2.00 23.31
N LEU A 429 -18.61 -2.15 22.18
CA LEU A 429 -17.26 -2.71 22.17
C LEU A 429 -16.31 -1.97 23.10
N HIS A 430 -16.34 -0.64 23.03
CA HIS A 430 -15.50 0.19 23.88
C HIS A 430 -15.73 -0.11 25.35
N GLY A 431 -16.97 -0.41 25.69
CA GLY A 431 -17.29 -0.72 27.08
C GLY A 431 -16.23 -1.59 27.73
N ARG A 432 -15.88 -2.70 27.08
CA ARG A 432 -14.88 -3.59 27.62
C ARG A 432 -13.66 -2.81 28.08
N LEU A 433 -13.28 -1.81 27.30
CA LEU A 433 -12.11 -0.98 27.58
C LEU A 433 -12.24 -0.21 28.90
N SER A 434 -13.07 0.83 28.91
CA SER A 434 -13.31 1.64 30.09
C SER A 434 -13.49 0.76 31.34
N ARG A 435 -14.21 -0.35 31.17
CA ARG A 435 -14.44 -1.30 32.24
C ARG A 435 -13.13 -1.87 32.74
N GLU A 436 -12.01 -1.41 32.20
CA GLU A 436 -10.71 -1.91 32.64
C GLU A 436 -9.68 -0.79 32.72
N TYR A 437 -9.61 0.03 31.67
CA TYR A 437 -8.64 1.12 31.61
C TYR A 437 -9.21 2.51 31.97
N PHE B 4 25.59 8.99 2.54
CA PHE B 4 25.12 7.83 1.74
C PHE B 4 23.79 7.27 2.30
N GLN B 5 23.39 6.09 1.85
CA GLN B 5 22.15 5.51 2.31
C GLN B 5 22.26 4.95 3.73
N LYS B 6 21.28 5.28 4.57
CA LYS B 6 21.23 4.76 5.93
C LYS B 6 20.54 3.39 5.93
N ILE B 7 21.21 2.35 6.44
CA ILE B 7 20.54 1.08 6.47
C ILE B 7 19.94 0.85 7.84
N TYR B 8 18.77 0.19 7.89
CA TYR B 8 18.09 -0.15 9.15
C TYR B 8 17.69 -1.65 9.30
N SER B 9 18.36 -2.56 8.62
CA SER B 9 18.02 -3.96 8.73
C SER B 9 19.01 -4.87 8.02
N PRO B 10 19.12 -6.07 8.51
CA PRO B 10 20.04 -7.00 7.90
C PRO B 10 19.74 -7.15 6.42
N THR B 11 18.47 -7.17 6.07
CA THR B 11 18.08 -7.32 4.66
C THR B 11 18.50 -6.13 3.82
N GLN B 12 18.33 -4.94 4.38
CA GLN B 12 18.72 -3.76 3.66
C GLN B 12 20.21 -3.95 3.41
N LEU B 13 20.89 -4.46 4.46
CA LEU B 13 22.34 -4.67 4.41
C LEU B 13 22.80 -5.60 3.34
N ALA B 14 22.22 -6.79 3.31
CA ALA B 14 22.61 -7.78 2.31
C ALA B 14 22.51 -7.25 0.86
N ASN B 15 21.32 -6.74 0.55
CA ASN B 15 21.08 -6.21 -0.78
C ASN B 15 22.18 -5.24 -1.11
N ALA B 16 22.42 -4.30 -0.19
CA ALA B 16 23.48 -3.30 -0.32
C ALA B 16 24.85 -3.91 -0.66
N MET B 17 25.31 -4.85 0.17
CA MET B 17 26.59 -5.48 -0.07
C MET B 17 26.51 -6.37 -1.30
N LYS B 18 25.35 -6.99 -1.55
CA LYS B 18 25.28 -7.84 -2.73
C LYS B 18 25.57 -6.99 -3.94
N LEU B 19 24.84 -5.88 -4.02
CA LEU B 19 24.99 -4.97 -5.12
C LEU B 19 26.46 -4.71 -5.30
N VAL B 20 27.11 -4.23 -4.25
CA VAL B 20 28.56 -3.91 -4.32
C VAL B 20 29.40 -5.06 -4.90
N ARG B 21 29.22 -6.26 -4.37
CA ARG B 21 29.99 -7.35 -4.93
C ARG B 21 29.66 -7.43 -6.41
N GLN B 22 28.38 -7.51 -6.75
CA GLN B 22 27.99 -7.60 -8.16
C GLN B 22 28.65 -6.52 -9.00
N GLN B 23 28.72 -5.30 -8.42
CA GLN B 23 29.27 -4.14 -9.10
C GLN B 23 30.73 -4.29 -9.44
N ASN B 24 31.53 -4.82 -8.51
CA ASN B 24 32.95 -5.05 -8.77
C ASN B 24 33.24 -6.39 -9.41
N GLY B 25 32.23 -7.02 -10.02
CA GLY B 25 32.44 -8.29 -10.67
C GLY B 25 33.10 -9.36 -9.78
N TRP B 26 32.74 -9.37 -8.52
CA TRP B 26 33.31 -10.37 -7.62
C TRP B 26 32.41 -11.56 -7.40
N THR B 27 33.02 -12.67 -7.04
CA THR B 27 32.30 -13.89 -6.83
C THR B 27 32.33 -14.22 -5.36
N GLN B 28 31.27 -14.85 -4.88
CA GLN B 28 31.25 -15.23 -3.48
C GLN B 28 32.53 -16.02 -3.16
N SER B 29 32.96 -16.79 -4.15
CA SER B 29 34.13 -17.60 -3.99
C SER B 29 35.37 -16.76 -3.83
N GLU B 30 35.51 -15.70 -4.62
CA GLU B 30 36.72 -14.86 -4.49
C GLU B 30 36.87 -14.36 -3.06
N LEU B 31 36.02 -13.41 -2.69
CA LEU B 31 36.03 -12.80 -1.36
C LEU B 31 36.23 -13.82 -0.23
N ALA B 32 35.50 -14.92 -0.28
CA ALA B 32 35.60 -15.94 0.73
C ALA B 32 37.02 -16.42 0.91
N LYS B 33 37.72 -16.72 -0.17
CA LYS B 33 39.09 -17.22 -0.09
C LYS B 33 40.06 -16.21 0.52
N LYS B 34 39.81 -14.94 0.28
CA LYS B 34 40.66 -13.87 0.82
C LYS B 34 40.51 -13.65 2.33
N ILE B 35 39.30 -13.86 2.88
CA ILE B 35 39.11 -13.62 4.29
C ILE B 35 38.84 -14.86 5.09
N GLY B 36 39.19 -16.02 4.56
CA GLY B 36 38.98 -17.25 5.29
C GLY B 36 37.59 -17.69 5.79
N ILE B 37 36.56 -17.58 4.96
CA ILE B 37 35.23 -18.04 5.35
C ILE B 37 34.68 -18.82 4.14
N LYS B 38 33.71 -19.69 4.34
CA LYS B 38 33.13 -20.50 3.26
C LYS B 38 32.30 -19.70 2.30
N GLN B 39 32.32 -20.09 1.02
CA GLN B 39 31.53 -19.37 0.02
C GLN B 39 30.08 -19.65 0.27
N ALA B 40 29.80 -20.69 1.04
CA ALA B 40 28.41 -20.97 1.37
C ALA B 40 27.98 -19.90 2.39
N THR B 41 28.93 -19.54 3.26
CA THR B 41 28.69 -18.53 4.28
C THR B 41 28.30 -17.22 3.65
N ILE B 42 28.93 -16.89 2.53
CA ILE B 42 28.57 -15.68 1.82
C ILE B 42 27.19 -15.82 1.13
N SER B 43 26.90 -17.00 0.56
CA SER B 43 25.61 -17.19 -0.08
C SER B 43 24.52 -17.09 0.99
N ASN B 44 24.84 -17.62 2.17
CA ASN B 44 23.91 -17.60 3.28
C ASN B 44 23.61 -16.15 3.66
N PHE B 45 24.68 -15.38 3.82
CA PHE B 45 24.59 -13.99 4.19
C PHE B 45 23.77 -13.18 3.24
N GLU B 46 23.68 -13.58 1.99
CA GLU B 46 22.93 -12.74 1.08
C GLU B 46 21.50 -13.07 0.96
N ASN B 47 21.04 -14.11 1.65
CA ASN B 47 19.62 -14.47 1.58
C ASN B 47 18.99 -14.57 2.98
N ASN B 48 19.79 -14.83 3.98
CA ASN B 48 19.29 -14.92 5.34
C ASN B 48 20.17 -14.16 6.31
N PRO B 49 20.45 -12.89 5.98
CA PRO B 49 21.30 -12.10 6.86
C PRO B 49 20.78 -11.86 8.24
N ASP B 50 19.53 -12.23 8.53
CA ASP B 50 18.99 -12.00 9.87
C ASP B 50 19.80 -12.65 10.95
N ASN B 51 20.17 -13.90 10.77
CA ASN B 51 20.96 -14.52 11.78
C ASN B 51 22.38 -14.67 11.24
N THR B 52 23.27 -13.72 11.46
CA THR B 52 24.64 -13.84 10.94
C THR B 52 25.67 -13.13 11.81
N THR B 53 26.52 -13.92 12.42
CA THR B 53 27.56 -13.38 13.28
C THR B 53 28.07 -12.00 12.81
N LEU B 54 28.36 -11.11 13.76
CA LEU B 54 28.95 -9.81 13.43
C LEU B 54 30.33 -10.02 12.78
N THR B 55 31.16 -10.94 13.30
CA THR B 55 32.48 -11.23 12.72
C THR B 55 32.38 -11.52 11.22
N THR B 56 31.49 -12.44 10.86
CA THR B 56 31.27 -12.81 9.47
C THR B 56 30.97 -11.50 8.76
N PHE B 57 30.17 -10.67 9.42
CA PHE B 57 29.78 -9.40 8.84
C PHE B 57 30.99 -8.61 8.44
N PHE B 58 31.85 -8.28 9.39
CA PHE B 58 33.04 -7.50 9.05
C PHE B 58 34.03 -8.15 8.09
N LYS B 59 34.29 -9.46 8.21
CA LYS B 59 35.21 -10.11 7.27
C LYS B 59 34.67 -9.84 5.87
N ILE B 60 33.46 -10.32 5.60
CA ILE B 60 32.82 -10.07 4.32
C ILE B 60 33.01 -8.58 3.96
N LEU B 61 32.66 -7.68 4.91
CA LEU B 61 32.77 -6.20 4.80
C LEU B 61 34.20 -5.79 4.38
N GLN B 62 35.22 -6.48 4.92
CA GLN B 62 36.61 -6.20 4.58
C GLN B 62 36.94 -6.70 3.14
N SER B 63 36.49 -7.90 2.80
CA SER B 63 36.75 -8.41 1.47
C SER B 63 36.16 -7.47 0.41
N LEU B 64 35.17 -6.68 0.78
CA LEU B 64 34.57 -5.76 -0.19
C LEU B 64 35.33 -4.44 -0.15
N GLU B 65 36.27 -4.31 0.78
CA GLU B 65 37.04 -3.07 0.88
C GLU B 65 36.21 -1.84 1.25
N LEU B 66 35.23 -2.07 2.11
CA LEU B 66 34.35 -1.02 2.59
C LEU B 66 34.52 -0.95 4.09
N SER B 67 33.98 0.09 4.70
CA SER B 67 34.09 0.23 6.13
C SER B 67 32.64 0.28 6.62
N MET B 68 32.40 0.90 7.77
CA MET B 68 31.07 1.06 8.32
C MET B 68 31.13 2.14 9.35
N THR B 69 30.09 2.94 9.45
CA THR B 69 30.07 4.01 10.42
C THR B 69 28.70 4.09 10.97
N LEU B 70 28.55 4.83 12.06
CA LEU B 70 27.25 5.00 12.69
C LEU B 70 26.80 6.44 12.57
N CYS B 71 25.63 6.68 11.99
CA CYS B 71 25.12 8.06 11.91
C CYS B 71 23.70 8.13 12.46
N ASP B 72 23.19 9.34 12.63
CA ASP B 72 21.84 9.53 13.16
C ASP B 72 20.77 9.28 12.10
N ALA B 73 19.68 8.65 12.51
CA ALA B 73 18.58 8.35 11.60
C ALA B 73 17.76 9.59 11.29
N LYS B 74 18.40 10.76 11.34
CA LYS B 74 17.72 12.04 11.10
C LYS B 74 16.34 12.01 11.79
#